data_8S5W
#
_entry.id   8S5W
#
_cell.length_a   1.00
_cell.length_b   1.00
_cell.length_c   1.00
_cell.angle_alpha   90.00
_cell.angle_beta   90.00
_cell.angle_gamma   90.00
#
_symmetry.space_group_name_H-M   'P 1'
#
loop_
_entity.id
_entity.type
_entity.pdbx_description
1 polymer Nb3.7
2 polymer 'Thiamine transporter 2'
3 non-polymer N-tert-butyl-3-{[5-methyl-2-({4-[2-(pyrrolidin-1-yl)ethoxy]phenyl}amino)pyrimidin-4-yl]amino}benzenesulfonamide
#
loop_
_entity_poly.entity_id
_entity_poly.type
_entity_poly.pdbx_seq_one_letter_code
_entity_poly.pdbx_strand_id
1 'polypeptide(L)'
;QVQLVESGGGLVQPGDSLRLSCAASGRTFSINAMAWFRQAPGKEREYVAQISWTGGNTYYAESVKGRFTISRDNAKNTVY
LQMISLKPEDTAVYYCAADSGGIRLGASRWNYWGQGTQVTVSSGRASSSSHHHHHHEPEA
;
B
2 'polypeptide(L)'
;MDCYRTSLSSSWIYPTVILCLFGFFSMMRPSEPFLIPYLSGPDKQLTSAEITNEIFPVWTYSYLVLLLPVFVLTDYVRYK
PVIILQGISFIITWLLLLFGQGVKTMQVVEFFYGMVTAAEVAYYAYIYSVVSPEHYQRVSGYCRSVTLAAYTAGSVLAQL
LVSLAQMSYFYLNVISLASVSVAFLFSLFLPMPKKSMFFHAKPSREIKKSSSVNPVLEETHEGEAPGCEEQKPTSEILST
SGKLNKGQLNSLKPSNVTVDVFVQWFQDLKECYSSKRLFYWSLWWAFATAGFNQVLNYVQILWDYKAPSQDSSIYNGAVE
AIATFGGAVAAFAVGYVKVNWDLLGELALVVFSVVNAGSLFLMHYTANIWACYAGYLIFKSSYMLLITIAVFQIAVNLNV
ERYALVFGINTFIALVIQTIMTVIVVDQRGLNLPVSIQFLVYGSYFAVIAGIFLMRSMYITYSTKSQKDVQSPAPSENPD
VSHPEEESNIIMSTKLLEVLFQGPSSGWSHPQFEKGGGSGGGSGGSAWSHPQFEK
;
A
#
loop_
_chem_comp.id
_chem_comp.type
_chem_comp.name
_chem_comp.formula
2TA non-polymer N-tert-butyl-3-{[5-methyl-2-({4-[2-(pyrrolidin-1-yl)ethoxy]phenyl}amino)pyrimidin-4-yl]amino}benzenesulfonamide 'C27 H36 N6 O3 S'
#
# COMPACT_ATOMS: atom_id res chain seq x y z
N VAL A 2 -10.06 29.55 8.49
CA VAL A 2 -11.45 29.65 8.10
C VAL A 2 -12.31 29.72 9.35
N GLN A 3 -13.42 30.45 9.26
CA GLN A 3 -14.35 30.63 10.36
C GLN A 3 -15.71 30.08 9.93
N LEU A 4 -16.01 28.86 10.35
CA LEU A 4 -17.23 28.19 9.94
C LEU A 4 -18.36 28.52 10.92
N VAL A 5 -19.42 29.13 10.40
CA VAL A 5 -20.60 29.47 11.19
C VAL A 5 -21.80 28.77 10.57
N GLU A 6 -22.57 28.08 11.41
CA GLU A 6 -23.67 27.24 10.97
C GLU A 6 -25.00 27.97 11.07
N SER A 7 -26.00 27.42 10.39
CA SER A 7 -27.35 27.96 10.45
C SER A 7 -28.32 26.86 10.07
N GLY A 8 -29.60 27.09 10.36
CA GLY A 8 -30.66 26.23 9.91
C GLY A 8 -31.13 25.17 10.89
N GLY A 9 -30.69 25.21 12.15
CA GLY A 9 -31.17 24.27 13.14
C GLY A 9 -32.53 24.66 13.71
N GLY A 10 -33.09 23.76 14.50
CA GLY A 10 -34.37 24.01 15.12
C GLY A 10 -35.07 22.71 15.45
N LEU A 11 -36.32 22.86 15.90
CA LEU A 11 -37.13 21.72 16.29
C LEU A 11 -38.14 21.41 15.19
N VAL A 12 -38.11 20.18 14.70
CA VAL A 12 -38.97 19.73 13.61
C VAL A 12 -39.58 18.38 13.98
N GLN A 13 -40.88 18.23 13.73
CA GLN A 13 -41.57 16.99 14.05
C GLN A 13 -40.98 15.83 13.26
N PRO A 14 -41.45 14.61 13.51
CA PRO A 14 -40.99 13.47 12.71
C PRO A 14 -41.57 13.47 11.29
N GLY A 15 -40.72 13.20 10.32
CA GLY A 15 -41.09 13.24 8.93
C GLY A 15 -40.86 14.56 8.24
N ASP A 16 -40.50 15.61 8.98
CA ASP A 16 -40.17 16.89 8.37
C ASP A 16 -38.68 16.94 8.08
N SER A 17 -38.29 17.83 7.17
CA SER A 17 -36.90 17.92 6.74
C SER A 17 -36.16 18.99 7.53
N LEU A 18 -34.90 19.20 7.16
CA LEU A 18 -34.10 20.32 7.65
C LEU A 18 -32.86 20.45 6.78
N ARG A 19 -32.60 21.68 6.34
CA ARG A 19 -31.38 22.02 5.64
C ARG A 19 -30.52 22.87 6.56
N LEU A 20 -29.26 22.49 6.71
CA LEU A 20 -28.29 23.21 7.52
C LEU A 20 -27.20 23.75 6.62
N SER A 21 -26.83 25.01 6.82
CA SER A 21 -25.79 25.67 6.03
C SER A 21 -24.48 25.72 6.81
N CYS A 22 -23.42 26.14 6.12
CA CYS A 22 -22.10 26.34 6.74
C CYS A 22 -21.35 27.35 5.87
N ALA A 23 -21.28 28.59 6.33
CA ALA A 23 -20.63 29.66 5.58
C ALA A 23 -19.18 29.76 6.02
N ALA A 24 -18.28 29.19 5.22
CA ALA A 24 -16.85 29.32 5.47
C ALA A 24 -16.31 30.60 4.86
N SER A 25 -15.49 31.32 5.62
CA SER A 25 -14.94 32.58 5.14
C SER A 25 -13.68 32.92 5.91
N GLY A 26 -12.84 33.74 5.28
CA GLY A 26 -11.67 34.31 5.94
C GLY A 26 -10.35 33.80 5.40
N ARG A 27 -10.24 32.49 5.22
CA ARG A 27 -9.09 31.87 4.57
C ARG A 27 -9.55 30.73 3.67
N THR A 28 -10.71 30.93 3.04
CA THR A 28 -11.38 29.89 2.28
C THR A 28 -10.56 29.39 1.08
N PHE A 29 -9.40 29.97 0.79
CA PHE A 29 -8.62 29.59 -0.42
C PHE A 29 -8.13 28.15 -0.30
N SER A 30 -7.76 27.69 0.90
CA SER A 30 -7.21 26.35 1.09
C SER A 30 -8.21 25.52 1.88
N ILE A 31 -9.19 24.94 1.17
CA ILE A 31 -10.12 23.97 1.73
C ILE A 31 -10.22 22.84 0.72
N ASN A 32 -10.03 21.62 1.21
CA ASN A 32 -10.03 20.42 0.34
C ASN A 32 -11.03 19.38 0.83
N ALA A 33 -11.74 19.64 1.93
CA ALA A 33 -12.78 18.74 2.42
C ALA A 33 -13.49 19.43 3.56
N MET A 34 -14.81 19.24 3.62
CA MET A 34 -15.61 19.70 4.74
C MET A 34 -16.52 18.55 5.15
N ALA A 35 -16.93 18.53 6.41
CA ALA A 35 -17.72 17.44 6.95
C ALA A 35 -18.77 17.97 7.90
N TRP A 36 -19.72 17.11 8.24
CA TRP A 36 -20.69 17.37 9.30
C TRP A 36 -20.54 16.30 10.37
N PHE A 37 -20.54 16.72 11.62
CA PHE A 37 -20.49 15.83 12.77
C PHE A 37 -21.74 16.03 13.60
N ARG A 38 -21.95 15.11 14.55
CA ARG A 38 -23.17 15.10 15.36
C ARG A 38 -22.81 14.67 16.76
N GLN A 39 -23.36 15.34 17.76
CA GLN A 39 -23.17 14.99 19.16
C GLN A 39 -24.54 14.99 19.85
N ALA A 40 -25.16 13.82 19.87
CA ALA A 40 -26.45 13.68 20.54
C ALA A 40 -26.27 13.84 22.04
N PRO A 41 -27.34 14.13 22.77
CA PRO A 41 -27.20 14.34 24.22
C PRO A 41 -26.59 13.11 24.91
N GLY A 42 -25.62 13.37 25.78
CA GLY A 42 -24.97 12.31 26.51
C GLY A 42 -24.27 11.30 25.61
N LYS A 43 -23.55 11.80 24.60
CA LYS A 43 -22.83 10.93 23.68
C LYS A 43 -21.61 11.69 23.19
N GLU A 44 -20.93 11.13 22.18
CA GLU A 44 -19.72 11.71 21.63
C GLU A 44 -19.95 12.11 20.17
N ARG A 45 -19.03 12.90 19.64
CA ARG A 45 -19.15 13.35 18.26
C ARG A 45 -19.23 12.15 17.32
N GLU A 46 -20.12 12.23 16.34
CA GLU A 46 -20.38 11.15 15.41
C GLU A 46 -20.27 11.67 13.98
N TYR A 47 -19.55 10.94 13.14
CA TYR A 47 -19.45 11.27 11.73
C TYR A 47 -20.83 11.22 11.08
N VAL A 48 -21.10 12.19 10.21
CA VAL A 48 -22.40 12.24 9.53
C VAL A 48 -22.26 12.31 8.02
N ALA A 49 -21.18 12.90 7.52
CA ALA A 49 -21.05 13.07 6.08
C ALA A 49 -19.72 13.74 5.78
N GLN A 50 -19.39 13.81 4.49
CA GLN A 50 -18.14 14.40 4.04
C GLN A 50 -18.29 14.81 2.59
N ILE A 51 -17.75 15.96 2.23
CA ILE A 51 -17.80 16.48 0.88
C ILE A 51 -16.44 17.06 0.53
N SER A 52 -15.89 16.65 -0.61
CA SER A 52 -14.62 17.19 -1.09
C SER A 52 -14.85 18.52 -1.79
N TRP A 53 -13.94 19.47 -1.53
CA TRP A 53 -14.09 20.80 -2.10
C TRP A 53 -13.75 20.82 -3.59
N THR A 54 -12.51 20.45 -3.93
CA THR A 54 -12.06 20.54 -5.32
C THR A 54 -12.98 19.73 -6.22
N GLY A 55 -13.28 18.51 -5.83
CA GLY A 55 -14.24 17.67 -6.53
C GLY A 55 -15.62 17.82 -5.93
N GLY A 56 -16.37 16.73 -5.93
CA GLY A 56 -17.66 16.71 -5.30
C GLY A 56 -17.96 15.40 -4.60
N ASN A 57 -16.94 14.54 -4.50
CA ASN A 57 -17.14 13.22 -3.96
C ASN A 57 -17.67 13.29 -2.54
N THR A 58 -18.79 12.61 -2.30
CA THR A 58 -19.43 12.60 -1.00
C THR A 58 -19.16 11.27 -0.30
N TYR A 59 -19.41 11.26 1.01
CA TYR A 59 -19.22 10.05 1.80
C TYR A 59 -20.08 10.19 3.05
N TYR A 60 -20.99 9.24 3.26
CA TYR A 60 -21.96 9.31 4.34
C TYR A 60 -21.77 8.17 5.32
N ALA A 61 -22.11 8.43 6.57
CA ALA A 61 -22.19 7.37 7.56
C ALA A 61 -23.33 6.42 7.20
N GLU A 62 -23.14 5.15 7.53
CA GLU A 62 -24.10 4.13 7.12
C GLU A 62 -25.47 4.42 7.72
N SER A 63 -25.53 4.86 8.97
CA SER A 63 -26.81 5.09 9.62
C SER A 63 -27.60 6.19 8.92
N VAL A 64 -26.93 7.27 8.51
CA VAL A 64 -27.62 8.42 7.94
C VAL A 64 -27.70 8.39 6.42
N LYS A 65 -27.08 7.41 5.77
CA LYS A 65 -27.10 7.37 4.31
C LYS A 65 -28.51 7.12 3.79
N GLY A 66 -28.80 7.70 2.64
CA GLY A 66 -30.08 7.53 1.97
C GLY A 66 -31.08 8.64 2.27
N ARG A 67 -30.87 9.39 3.35
CA ARG A 67 -31.71 10.53 3.66
C ARG A 67 -30.93 11.81 3.97
N PHE A 68 -29.60 11.74 4.02
CA PHE A 68 -28.76 12.91 4.21
C PHE A 68 -28.00 13.19 2.92
N THR A 69 -27.93 14.46 2.54
CA THR A 69 -27.26 14.88 1.31
C THR A 69 -26.44 16.13 1.56
N ILE A 70 -25.13 16.02 1.34
CA ILE A 70 -24.19 17.11 1.60
C ILE A 70 -23.70 17.65 0.25
N SER A 71 -23.84 18.96 0.05
CA SER A 71 -23.51 19.61 -1.20
C SER A 71 -22.68 20.86 -0.95
N ARG A 72 -21.82 21.17 -1.90
CA ARG A 72 -20.94 22.34 -1.79
C ARG A 72 -21.49 23.43 -2.70
N ASP A 73 -21.13 24.68 -2.44
CA ASP A 73 -21.56 25.85 -3.19
C ASP A 73 -20.39 26.83 -3.30
N ASN A 74 -19.25 26.33 -3.78
CA ASN A 74 -18.01 27.10 -3.84
C ASN A 74 -18.30 28.56 -4.22
N ALA A 75 -19.17 28.78 -5.20
CA ALA A 75 -19.51 30.14 -5.59
C ALA A 75 -19.69 31.07 -4.39
N LYS A 76 -20.39 30.59 -3.35
CA LYS A 76 -20.56 31.34 -2.12
C LYS A 76 -19.81 30.73 -0.94
N ASN A 77 -19.13 29.61 -1.14
CA ASN A 77 -18.30 28.93 -0.14
C ASN A 77 -19.13 28.28 0.95
N THR A 78 -20.41 28.00 0.73
CA THR A 78 -21.25 27.39 1.74
C THR A 78 -21.34 25.89 1.54
N VAL A 79 -21.69 25.19 2.61
CA VAL A 79 -21.87 23.75 2.61
C VAL A 79 -23.21 23.45 3.23
N TYR A 80 -23.95 22.52 2.65
CA TYR A 80 -25.32 22.24 3.06
C TYR A 80 -25.45 20.79 3.50
N LEU A 81 -26.48 20.53 4.29
CA LEU A 81 -26.83 19.18 4.74
C LEU A 81 -28.35 19.09 4.76
N GLN A 82 -28.91 18.34 3.81
CA GLN A 82 -30.35 18.14 3.75
C GLN A 82 -30.69 16.80 4.36
N MET A 83 -31.53 16.81 5.39
CA MET A 83 -31.90 15.63 6.15
C MET A 83 -33.38 15.37 5.99
N ILE A 84 -33.73 14.17 5.53
CA ILE A 84 -35.11 13.81 5.22
C ILE A 84 -35.50 12.63 6.10
N SER A 85 -36.81 12.49 6.32
CA SER A 85 -37.37 11.41 7.14
C SER A 85 -36.73 11.38 8.53
N LEU A 86 -36.84 12.52 9.21
CA LEU A 86 -36.30 12.65 10.55
C LEU A 86 -37.12 11.79 11.53
N LYS A 87 -36.46 11.36 12.61
CA LYS A 87 -37.12 10.56 13.67
C LYS A 87 -36.62 11.10 15.00
N PRO A 88 -37.31 10.89 16.15
CA PRO A 88 -36.90 11.49 17.42
C PRO A 88 -35.49 11.08 17.89
N GLU A 89 -34.84 10.12 17.22
CA GLU A 89 -33.51 9.60 17.63
C GLU A 89 -32.37 10.41 17.00
N ASP A 90 -32.65 11.45 16.20
CA ASP A 90 -31.63 12.24 15.53
C ASP A 90 -31.22 13.47 16.33
N THR A 91 -32.11 14.01 17.15
CA THR A 91 -31.85 15.24 17.87
C THR A 91 -30.43 15.26 18.42
N ALA A 92 -29.69 16.32 18.08
CA ALA A 92 -28.29 16.45 18.45
C ALA A 92 -27.86 17.89 18.26
N VAL A 93 -26.56 18.13 18.29
CA VAL A 93 -25.95 19.40 17.91
C VAL A 93 -25.00 19.13 16.75
N TYR A 94 -25.24 19.75 15.61
CA TYR A 94 -24.53 19.43 14.38
C TYR A 94 -23.41 20.43 14.13
N TYR A 95 -22.19 19.90 13.92
CA TYR A 95 -20.99 20.71 13.82
C TYR A 95 -20.40 20.61 12.42
N CYS A 96 -19.84 21.72 11.94
CA CYS A 96 -19.03 21.71 10.75
C CYS A 96 -17.59 21.37 11.10
N ALA A 97 -16.85 20.94 10.08
CA ALA A 97 -15.45 20.58 10.26
C ALA A 97 -14.78 20.70 8.91
N ALA A 98 -13.80 21.59 8.79
CA ALA A 98 -13.07 21.80 7.56
C ALA A 98 -11.67 21.24 7.70
N ASP A 99 -11.22 20.52 6.68
CA ASP A 99 -9.84 20.06 6.58
C ASP A 99 -9.14 21.00 5.60
N SER A 100 -8.52 22.05 6.14
CA SER A 100 -8.12 23.18 5.32
C SER A 100 -7.10 22.79 4.27
N GLY A 101 -5.91 22.35 4.69
CA GLY A 101 -4.95 21.85 3.72
C GLY A 101 -3.49 22.10 4.06
N GLY A 102 -2.60 21.56 3.24
CA GLY A 102 -1.17 21.61 3.47
C GLY A 102 -0.66 20.35 4.13
N ILE A 103 0.66 20.31 4.29
CA ILE A 103 1.30 19.23 5.04
C ILE A 103 1.26 19.62 6.51
N ARG A 104 0.59 18.80 7.32
CA ARG A 104 0.33 19.14 8.71
C ARG A 104 0.57 17.93 9.59
N LEU A 105 0.91 18.20 10.85
CA LEU A 105 0.88 17.21 11.91
C LEU A 105 -0.22 17.59 12.88
N GLY A 106 -1.06 16.62 13.22
CA GLY A 106 -2.16 16.92 14.13
C GLY A 106 -2.83 15.63 14.58
N ALA A 107 -3.79 15.79 15.48
CA ALA A 107 -4.55 14.66 16.00
C ALA A 107 -5.79 14.36 15.19
N SER A 108 -6.41 15.36 14.59
CA SER A 108 -7.61 15.20 13.79
C SER A 108 -7.37 15.72 12.38
N ARG A 109 -7.99 15.04 11.41
CA ARG A 109 -7.92 15.50 10.03
C ARG A 109 -8.52 16.89 9.87
N TRP A 110 -9.45 17.26 10.74
CA TRP A 110 -10.22 18.48 10.60
C TRP A 110 -9.63 19.57 11.48
N ASN A 111 -9.18 20.65 10.84
CA ASN A 111 -8.48 21.72 11.54
C ASN A 111 -9.45 22.61 12.32
N TYR A 112 -10.45 23.15 11.64
CA TYR A 112 -11.37 24.11 12.22
C TYR A 112 -12.75 23.50 12.39
N TRP A 113 -13.47 23.95 13.42
CA TRP A 113 -14.77 23.42 13.78
C TRP A 113 -15.76 24.55 13.96
N GLY A 114 -17.04 24.23 13.77
CA GLY A 114 -18.09 25.22 13.91
C GLY A 114 -18.64 25.29 15.32
N GLN A 115 -19.48 26.29 15.54
CA GLN A 115 -20.06 26.48 16.86
C GLN A 115 -21.05 25.38 17.20
N GLY A 116 -21.84 24.93 16.23
CA GLY A 116 -22.86 23.93 16.45
C GLY A 116 -24.26 24.47 16.21
N THR A 117 -25.12 23.67 15.60
CA THR A 117 -26.50 24.06 15.35
C THR A 117 -27.43 22.97 15.89
N GLN A 118 -28.51 23.40 16.53
CA GLN A 118 -29.35 22.52 17.32
C GLN A 118 -30.52 21.99 16.49
N VAL A 119 -30.67 20.67 16.46
CA VAL A 119 -31.81 20.01 15.87
C VAL A 119 -32.56 19.27 16.97
N THR A 120 -33.81 19.64 17.19
CA THR A 120 -34.63 19.07 18.26
C THR A 120 -35.85 18.41 17.64
N VAL A 121 -35.70 17.17 17.21
CA VAL A 121 -36.77 16.42 16.56
C VAL A 121 -37.64 15.77 17.63
N SER A 122 -38.88 16.21 17.73
CA SER A 122 -39.80 15.67 18.72
C SER A 122 -41.19 16.27 18.58
N SER A 123 -42.16 15.72 19.30
CA SER A 123 -43.52 16.23 19.30
C SER A 123 -44.17 15.98 20.67
N SER B 11 35.73 -13.87 9.07
CA SER B 11 35.95 -12.71 8.21
C SER B 11 34.67 -12.32 7.48
N TRP B 12 33.75 -13.27 7.35
CA TRP B 12 32.47 -13.04 6.72
C TRP B 12 31.32 -13.01 7.70
N ILE B 13 31.57 -13.30 8.98
CA ILE B 13 30.48 -13.46 9.94
C ILE B 13 30.06 -12.12 10.53
N TYR B 14 30.97 -11.13 10.56
CA TYR B 14 30.59 -9.85 11.14
C TYR B 14 29.70 -9.05 10.19
N PRO B 15 30.10 -8.78 8.94
CA PRO B 15 29.20 -8.02 8.06
C PRO B 15 27.86 -8.69 7.83
N THR B 16 27.79 -10.02 7.86
CA THR B 16 26.51 -10.70 7.68
C THR B 16 25.64 -10.64 8.94
N VAL B 17 26.24 -10.74 10.13
CA VAL B 17 25.46 -10.66 11.34
C VAL B 17 24.84 -9.28 11.49
N ILE B 18 25.62 -8.23 11.21
CA ILE B 18 25.09 -6.87 11.30
C ILE B 18 24.07 -6.60 10.21
N LEU B 19 24.29 -7.13 9.01
CA LEU B 19 23.35 -6.93 7.92
C LEU B 19 22.09 -7.76 8.09
N CYS B 20 22.20 -8.94 8.71
CA CYS B 20 21.02 -9.75 8.97
C CYS B 20 20.20 -9.17 10.11
N LEU B 21 20.84 -8.54 11.09
CA LEU B 21 20.11 -7.88 12.16
C LEU B 21 19.39 -6.64 11.66
N PHE B 22 20.01 -5.87 10.76
CA PHE B 22 19.30 -4.76 10.14
C PHE B 22 18.12 -5.25 9.31
N GLY B 23 18.32 -6.32 8.55
CA GLY B 23 17.23 -6.84 7.74
C GLY B 23 16.08 -7.38 8.57
N PHE B 24 16.39 -8.01 9.71
CA PHE B 24 15.33 -8.55 10.54
C PHE B 24 14.51 -7.44 11.18
N PHE B 25 15.17 -6.46 11.77
CA PHE B 25 14.46 -5.43 12.51
C PHE B 25 13.78 -4.43 11.60
N SER B 26 14.34 -4.18 10.41
CA SER B 26 13.71 -3.26 9.49
C SER B 26 12.49 -3.87 8.82
N MET B 27 12.44 -5.19 8.71
CA MET B 27 11.33 -5.88 8.08
C MET B 27 10.26 -6.32 9.06
N MET B 28 10.48 -6.14 10.36
CA MET B 28 9.48 -6.47 11.38
C MET B 28 8.67 -5.21 11.63
N ARG B 29 7.46 -5.18 11.08
CA ARG B 29 6.57 -4.03 11.17
C ARG B 29 5.15 -4.53 11.35
N PRO B 30 4.68 -4.66 12.59
CA PRO B 30 3.33 -5.18 12.82
C PRO B 30 2.23 -4.36 12.17
N SER B 31 2.46 -3.08 11.93
CA SER B 31 1.43 -2.19 11.42
C SER B 31 1.14 -2.37 9.94
N GLU B 32 1.99 -3.08 9.22
CA GLU B 32 1.85 -3.18 7.76
C GLU B 32 0.52 -3.81 7.36
N PRO B 33 0.16 -4.99 7.87
CA PRO B 33 -1.12 -5.59 7.46
C PRO B 33 -2.34 -4.73 7.79
N PHE B 34 -2.32 -3.97 8.87
CA PHE B 34 -3.43 -3.10 9.26
C PHE B 34 -3.11 -1.66 8.87
N LEU B 35 -3.03 -1.40 7.56
CA LEU B 35 -2.77 -0.07 7.04
C LEU B 35 -4.04 0.66 6.61
N ILE B 36 -4.80 0.07 5.69
CA ILE B 36 -6.08 0.63 5.26
C ILE B 36 -7.04 0.65 6.43
N PRO B 37 -7.10 -0.40 7.26
CA PRO B 37 -7.86 -0.29 8.50
C PRO B 37 -7.44 0.88 9.37
N TYR B 38 -6.15 1.22 9.38
CA TYR B 38 -5.64 2.35 10.16
C TYR B 38 -5.87 3.67 9.45
N LEU B 39 -5.55 3.73 8.15
CA LEU B 39 -5.72 4.98 7.41
C LEU B 39 -7.19 5.38 7.34
N SER B 40 -8.07 4.44 7.03
CA SER B 40 -9.51 4.71 6.97
C SER B 40 -10.19 4.43 8.31
N GLY B 41 -9.66 5.01 9.37
CA GLY B 41 -10.17 4.78 10.70
C GLY B 41 -10.40 6.09 11.42
N PRO B 42 -10.67 6.03 12.73
CA PRO B 42 -10.86 7.26 13.51
C PRO B 42 -9.58 8.02 13.78
N ASP B 43 -8.42 7.45 13.48
CA ASP B 43 -7.14 8.13 13.68
C ASP B 43 -6.86 9.12 12.56
N LYS B 44 -6.93 8.66 11.31
CA LYS B 44 -6.66 9.46 10.13
C LYS B 44 -7.76 9.28 9.11
N GLN B 45 -9.01 9.42 9.56
CA GLN B 45 -10.16 9.08 8.74
C GLN B 45 -10.05 9.66 7.34
N LEU B 46 -9.91 8.77 6.36
CA LEU B 46 -9.72 9.15 4.98
C LEU B 46 -10.60 8.25 4.12
N THR B 47 -11.35 8.85 3.21
CA THR B 47 -12.30 8.08 2.41
C THR B 47 -11.56 7.08 1.54
N SER B 48 -12.22 5.96 1.25
CA SER B 48 -11.59 4.91 0.46
C SER B 48 -11.18 5.44 -0.91
N ALA B 49 -12.02 6.26 -1.54
CA ALA B 49 -11.68 6.83 -2.84
C ALA B 49 -10.50 7.78 -2.75
N GLU B 50 -10.25 8.40 -1.60
CA GLU B 50 -9.08 9.24 -1.44
C GLU B 50 -7.80 8.45 -1.32
N ILE B 51 -7.85 7.25 -0.74
CA ILE B 51 -6.67 6.41 -0.63
C ILE B 51 -6.31 5.77 -1.96
N THR B 52 -7.30 5.18 -2.64
CA THR B 52 -7.00 4.44 -3.86
C THR B 52 -6.69 5.33 -5.06
N ASN B 53 -7.39 6.46 -5.21
CA ASN B 53 -7.32 7.24 -6.44
C ASN B 53 -6.48 8.50 -6.32
N GLU B 54 -6.08 8.90 -5.12
CA GLU B 54 -5.30 10.12 -4.93
C GLU B 54 -3.94 9.87 -4.31
N ILE B 55 -3.86 9.02 -3.29
CA ILE B 55 -2.65 8.86 -2.51
C ILE B 55 -1.80 7.74 -3.08
N PHE B 56 -2.36 6.54 -3.13
CA PHE B 56 -1.56 5.37 -3.48
C PHE B 56 -0.87 5.47 -4.82
N PRO B 57 -1.46 6.06 -5.87
CA PRO B 57 -0.73 6.18 -7.14
C PRO B 57 0.63 6.84 -7.02
N VAL B 58 0.84 7.61 -5.95
CA VAL B 58 2.07 8.38 -5.81
C VAL B 58 3.27 7.49 -5.52
N TRP B 59 3.05 6.25 -5.08
CA TRP B 59 4.17 5.36 -4.80
C TRP B 59 4.85 4.92 -6.09
N THR B 60 4.07 4.49 -7.07
CA THR B 60 4.65 4.03 -8.34
C THR B 60 5.26 5.20 -9.12
N TYR B 61 4.69 6.40 -8.99
CA TYR B 61 5.26 7.55 -9.68
C TYR B 61 6.62 7.92 -9.11
N SER B 62 6.75 7.90 -7.78
CA SER B 62 8.00 8.29 -7.14
C SER B 62 9.04 7.19 -7.24
N TYR B 63 8.63 5.92 -7.12
CA TYR B 63 9.56 4.82 -7.27
C TYR B 63 10.15 4.79 -8.67
N LEU B 64 9.32 5.08 -9.68
CA LEU B 64 9.81 5.08 -11.05
C LEU B 64 10.90 6.12 -11.24
N VAL B 65 10.70 7.33 -10.70
CA VAL B 65 11.68 8.39 -10.88
C VAL B 65 12.94 8.10 -10.07
N LEU B 66 12.79 7.67 -8.82
CA LEU B 66 13.93 7.41 -7.94
C LEU B 66 14.37 5.96 -8.01
N LEU B 67 14.59 5.42 -9.20
CA LEU B 67 15.10 4.08 -9.35
C LEU B 67 16.48 4.08 -10.00
N LEU B 68 16.62 4.68 -11.18
CA LEU B 68 17.93 4.77 -11.81
C LEU B 68 18.90 5.61 -11.00
N PRO B 69 18.53 6.80 -10.50
CA PRO B 69 19.50 7.59 -9.72
C PRO B 69 20.00 6.85 -8.49
N VAL B 70 19.14 6.12 -7.79
CA VAL B 70 19.56 5.41 -6.59
C VAL B 70 20.38 4.19 -6.95
N PHE B 71 20.06 3.53 -8.06
CA PHE B 71 20.85 2.38 -8.49
C PHE B 71 22.27 2.81 -8.86
N VAL B 72 22.40 3.91 -9.59
CA VAL B 72 23.72 4.42 -9.93
C VAL B 72 24.40 5.00 -8.70
N LEU B 73 23.64 5.66 -7.83
CA LEU B 73 24.22 6.20 -6.60
C LEU B 73 24.71 5.09 -5.68
N THR B 74 23.95 3.99 -5.57
CA THR B 74 24.33 2.91 -4.66
C THR B 74 25.72 2.37 -4.98
N ASP B 75 26.07 2.25 -6.25
CA ASP B 75 27.37 1.75 -6.67
C ASP B 75 28.45 2.83 -6.69
N TYR B 76 28.10 4.07 -7.01
CA TYR B 76 29.11 5.12 -7.04
C TYR B 76 29.68 5.32 -5.65
N VAL B 77 28.86 5.80 -4.72
CA VAL B 77 29.26 5.83 -3.29
C VAL B 77 29.05 4.38 -2.88
N ARG B 78 29.65 3.87 -1.81
CA ARG B 78 29.53 2.41 -1.51
C ARG B 78 28.09 2.09 -1.11
N TYR B 79 27.75 0.81 -1.02
CA TYR B 79 26.36 0.36 -0.73
C TYR B 79 25.95 0.82 0.68
N LYS B 80 26.91 1.00 1.59
CA LYS B 80 26.59 1.37 3.00
C LYS B 80 25.93 2.75 3.07
N PRO B 81 26.53 3.87 2.61
CA PRO B 81 25.86 5.16 2.56
C PRO B 81 24.35 5.08 2.22
N VAL B 82 23.91 4.26 1.27
CA VAL B 82 22.51 4.19 0.84
C VAL B 82 21.68 3.30 1.75
N ILE B 83 22.29 2.35 2.46
CA ILE B 83 21.56 1.59 3.46
C ILE B 83 21.17 2.50 4.62
N ILE B 84 22.07 3.40 5.01
CA ILE B 84 21.75 4.38 6.05
C ILE B 84 20.65 5.32 5.60
N LEU B 85 20.64 5.66 4.30
CA LEU B 85 19.56 6.49 3.78
C LEU B 85 18.23 5.77 3.87
N GLN B 86 18.20 4.47 3.58
CA GLN B 86 16.97 3.70 3.70
C GLN B 86 16.47 3.68 5.14
N GLY B 87 17.38 3.56 6.10
CA GLY B 87 16.99 3.58 7.50
C GLY B 87 16.38 4.89 7.91
N ILE B 88 16.88 6.00 7.37
CA ILE B 88 16.30 7.31 7.67
C ILE B 88 14.91 7.42 7.07
N SER B 89 14.74 7.02 5.81
CA SER B 89 13.44 7.09 5.18
C SER B 89 12.42 6.23 5.90
N PHE B 90 12.86 5.15 6.55
CA PHE B 90 11.97 4.36 7.39
C PHE B 90 11.46 5.18 8.56
N ILE B 91 12.33 5.96 9.19
CA ILE B 91 11.93 6.74 10.35
C ILE B 91 11.03 7.89 9.93
N ILE B 92 11.36 8.57 8.84
CA ILE B 92 10.52 9.67 8.38
C ILE B 92 9.15 9.17 7.97
N THR B 93 9.08 8.02 7.29
CA THR B 93 7.81 7.50 6.84
C THR B 93 6.88 7.20 8.01
N TRP B 94 7.41 6.62 9.07
CA TRP B 94 6.57 6.25 10.21
C TRP B 94 6.37 7.38 11.20
N LEU B 95 7.13 8.47 11.10
CA LEU B 95 6.81 9.63 11.89
C LEU B 95 5.63 10.40 11.29
N LEU B 96 5.57 10.45 9.96
CA LEU B 96 4.41 11.04 9.29
C LEU B 96 3.21 10.10 9.31
N LEU B 97 3.45 8.79 9.29
CA LEU B 97 2.37 7.82 9.38
C LEU B 97 1.73 7.79 10.75
N LEU B 98 2.35 8.40 11.76
CA LEU B 98 1.83 8.44 13.12
C LEU B 98 1.14 9.76 13.45
N PHE B 99 1.73 10.88 13.06
CA PHE B 99 1.23 12.19 13.44
C PHE B 99 0.75 13.04 12.27
N GLY B 100 1.25 12.81 11.06
CA GLY B 100 0.82 13.58 9.91
C GLY B 100 -0.65 13.41 9.58
N GLN B 101 -1.33 14.49 9.22
CA GLN B 101 -2.76 14.45 8.92
C GLN B 101 -3.05 15.12 7.58
N GLY B 102 -4.12 14.67 6.95
CA GLY B 102 -4.56 15.20 5.68
C GLY B 102 -4.19 14.28 4.53
N VAL B 103 -4.71 14.62 3.36
CA VAL B 103 -4.43 13.84 2.16
C VAL B 103 -3.06 14.16 1.58
N LYS B 104 -2.64 15.43 1.64
CA LYS B 104 -1.37 15.83 1.05
C LYS B 104 -0.18 15.29 1.83
N THR B 105 -0.32 15.14 3.15
CA THR B 105 0.74 14.52 3.93
C THR B 105 0.87 13.04 3.62
N MET B 106 -0.23 12.36 3.31
CA MET B 106 -0.16 10.95 2.99
C MET B 106 0.50 10.72 1.65
N GLN B 107 0.40 11.69 0.73
CA GLN B 107 1.12 11.58 -0.53
C GLN B 107 2.63 11.72 -0.32
N VAL B 108 3.05 12.52 0.65
CA VAL B 108 4.46 12.59 1.01
C VAL B 108 4.92 11.27 1.62
N VAL B 109 4.04 10.62 2.38
CA VAL B 109 4.36 9.30 2.92
C VAL B 109 4.53 8.29 1.80
N GLU B 110 3.73 8.42 0.75
CA GLU B 110 3.89 7.54 -0.41
C GLU B 110 5.22 7.78 -1.10
N PHE B 111 5.65 9.04 -1.21
CA PHE B 111 6.93 9.33 -1.84
C PHE B 111 8.09 8.76 -1.03
N PHE B 112 8.06 8.93 0.28
CA PHE B 112 9.15 8.44 1.12
C PHE B 112 9.21 6.93 1.19
N TYR B 113 8.08 6.25 0.98
CA TYR B 113 8.11 4.81 0.86
C TYR B 113 8.64 4.36 -0.50
N GLY B 114 8.55 5.20 -1.52
CA GLY B 114 9.22 4.91 -2.77
C GLY B 114 10.73 4.91 -2.62
N MET B 115 11.25 5.79 -1.76
CA MET B 115 12.67 5.74 -1.41
C MET B 115 13.01 4.46 -0.66
N VAL B 116 12.16 4.07 0.29
CA VAL B 116 12.41 2.85 1.06
C VAL B 116 12.48 1.66 0.13
N THR B 117 11.55 1.58 -0.83
CA THR B 117 11.52 0.47 -1.75
C THR B 117 12.60 0.59 -2.82
N ALA B 118 12.99 1.82 -3.17
CA ALA B 118 14.02 2.01 -4.18
C ALA B 118 15.43 1.88 -3.61
N ALA B 119 15.59 1.92 -2.30
CA ALA B 119 16.89 1.85 -1.66
C ALA B 119 17.22 0.46 -1.12
N GLU B 120 16.31 -0.51 -1.26
CA GLU B 120 16.61 -1.86 -0.80
C GLU B 120 17.58 -2.58 -1.73
N VAL B 121 17.91 -1.99 -2.88
CA VAL B 121 18.89 -2.60 -3.78
C VAL B 121 20.24 -2.70 -3.09
N ALA B 122 20.58 -1.72 -2.25
CA ALA B 122 21.85 -1.71 -1.56
C ALA B 122 21.94 -2.74 -0.44
N TYR B 123 20.81 -3.23 0.06
CA TYR B 123 20.85 -4.24 1.12
C TYR B 123 21.36 -5.57 0.58
N TYR B 124 20.87 -5.98 -0.58
CA TYR B 124 21.30 -7.25 -1.18
C TYR B 124 22.57 -7.09 -1.98
N ALA B 125 22.81 -5.92 -2.57
CA ALA B 125 24.05 -5.67 -3.30
C ALA B 125 25.23 -5.45 -2.38
N TYR B 126 24.99 -5.07 -1.12
CA TYR B 126 26.08 -4.77 -0.20
C TYR B 126 26.92 -6.01 0.07
N ILE B 127 26.27 -7.16 0.25
CA ILE B 127 26.99 -8.34 0.68
C ILE B 127 28.02 -8.78 -0.34
N TYR B 128 27.70 -8.65 -1.63
CA TYR B 128 28.63 -9.13 -2.66
C TYR B 128 29.98 -8.44 -2.56
N SER B 129 29.99 -7.16 -2.18
CA SER B 129 31.23 -6.39 -2.16
C SER B 129 31.98 -6.47 -0.84
N VAL B 130 31.49 -7.25 0.12
CA VAL B 130 32.11 -7.35 1.43
C VAL B 130 32.39 -8.78 1.85
N VAL B 131 32.07 -9.76 1.01
CA VAL B 131 32.28 -11.17 1.31
C VAL B 131 32.97 -11.84 0.14
N SER B 132 33.66 -12.93 0.41
CA SER B 132 34.35 -13.65 -0.64
C SER B 132 33.33 -14.24 -1.62
N PRO B 133 33.73 -14.51 -2.86
CA PRO B 133 32.77 -15.07 -3.81
C PRO B 133 32.16 -16.39 -3.35
N GLU B 134 32.95 -17.25 -2.73
CA GLU B 134 32.43 -18.55 -2.33
C GLU B 134 31.32 -18.40 -1.28
N HIS B 135 31.51 -17.53 -0.29
CA HIS B 135 30.48 -17.31 0.72
C HIS B 135 29.50 -16.24 0.28
N TYR B 136 28.95 -16.39 -0.92
CA TYR B 136 27.99 -15.43 -1.44
C TYR B 136 26.59 -16.03 -1.54
N GLN B 137 26.43 -17.16 -2.23
CA GLN B 137 25.11 -17.76 -2.33
C GLN B 137 24.58 -18.15 -0.96
N ARG B 138 25.44 -18.72 -0.12
CA ARG B 138 25.02 -19.09 1.23
C ARG B 138 24.66 -17.85 2.05
N VAL B 139 25.51 -16.82 1.97
CA VAL B 139 25.26 -15.62 2.75
C VAL B 139 24.10 -14.82 2.16
N SER B 140 23.87 -14.91 0.86
CA SER B 140 22.74 -14.23 0.19
C SER B 140 21.46 -14.92 0.63
N GLY B 141 21.49 -16.23 0.88
CA GLY B 141 20.33 -16.93 1.38
C GLY B 141 20.02 -16.57 2.82
N TYR B 142 21.05 -16.40 3.65
CA TYR B 142 20.83 -16.03 5.03
C TYR B 142 20.13 -14.68 5.13
N CYS B 143 20.55 -13.72 4.31
CA CYS B 143 20.01 -12.37 4.37
C CYS B 143 18.62 -12.27 3.78
N ARG B 144 18.29 -13.11 2.80
CA ARG B 144 16.95 -13.12 2.22
C ARG B 144 15.95 -13.85 3.10
N SER B 145 16.38 -14.90 3.80
CA SER B 145 15.47 -15.65 4.66
C SER B 145 15.15 -14.90 5.95
N VAL B 146 16.08 -14.07 6.43
CA VAL B 146 15.80 -13.29 7.64
C VAL B 146 14.79 -12.19 7.35
N THR B 147 14.67 -11.79 6.09
CA THR B 147 13.66 -10.81 5.72
C THR B 147 12.26 -11.42 5.74
N LEU B 148 12.14 -12.67 5.30
CA LEU B 148 10.85 -13.34 5.32
C LEU B 148 10.44 -13.70 6.75
N ALA B 149 11.38 -14.20 7.55
CA ALA B 149 11.05 -14.54 8.93
C ALA B 149 10.60 -13.33 9.71
N ALA B 150 11.17 -12.16 9.43
CA ALA B 150 10.81 -10.95 10.17
C ALA B 150 9.39 -10.52 9.84
N TYR B 151 9.02 -10.43 8.57
CA TYR B 151 7.68 -9.94 8.15
C TYR B 151 6.60 -10.98 8.44
N THR B 152 6.93 -12.26 8.47
CA THR B 152 5.97 -13.35 8.77
C THR B 152 5.77 -13.39 10.28
N ALA B 153 6.82 -13.15 11.09
CA ALA B 153 6.68 -13.05 12.54
C ALA B 153 6.02 -11.73 12.93
N GLY B 154 6.32 -10.65 12.21
CA GLY B 154 5.71 -9.37 12.53
C GLY B 154 4.22 -9.35 12.26
N SER B 155 3.81 -9.96 11.14
CA SER B 155 2.38 -10.06 10.84
C SER B 155 1.65 -10.90 11.88
N VAL B 156 2.26 -12.01 12.31
CA VAL B 156 1.63 -12.85 13.33
C VAL B 156 1.52 -12.09 14.64
N LEU B 157 2.52 -11.28 14.98
CA LEU B 157 2.44 -10.48 16.19
C LEU B 157 1.30 -9.47 16.11
N ALA B 158 1.10 -8.87 14.95
CA ALA B 158 0.03 -7.90 14.81
C ALA B 158 -1.32 -8.52 15.12
N GLN B 159 -1.62 -9.66 14.52
CA GLN B 159 -2.90 -10.31 14.75
C GLN B 159 -3.04 -10.79 16.19
N LEU B 160 -1.99 -11.34 16.77
CA LEU B 160 -2.06 -11.87 18.13
C LEU B 160 -2.27 -10.79 19.16
N LEU B 161 -2.06 -9.52 18.82
CA LEU B 161 -2.37 -8.39 19.68
C LEU B 161 -3.74 -7.80 19.38
N VAL B 162 -4.03 -7.53 18.11
CA VAL B 162 -5.32 -6.99 17.71
C VAL B 162 -6.46 -7.91 18.10
N SER B 163 -6.20 -9.20 18.27
CA SER B 163 -7.24 -10.17 18.57
C SER B 163 -7.30 -10.52 20.06
N LEU B 164 -6.20 -11.03 20.61
CA LEU B 164 -6.18 -11.49 21.98
C LEU B 164 -5.78 -10.42 22.98
N ALA B 165 -5.40 -9.23 22.53
CA ALA B 165 -5.02 -8.15 23.41
C ALA B 165 -5.74 -6.85 23.15
N GLN B 166 -6.45 -6.73 22.03
CA GLN B 166 -7.18 -5.52 21.66
C GLN B 166 -6.26 -4.30 21.70
N MET B 167 -5.22 -4.38 20.88
CA MET B 167 -4.28 -3.27 20.73
C MET B 167 -4.72 -2.39 19.58
N SER B 168 -4.70 -1.09 19.79
CA SER B 168 -5.14 -0.15 18.77
C SER B 168 -4.16 -0.14 17.60
N TYR B 169 -4.69 0.18 16.41
CA TYR B 169 -3.83 0.29 15.24
C TYR B 169 -2.76 1.34 15.42
N PHE B 170 -3.04 2.38 16.22
CA PHE B 170 -2.02 3.38 16.48
C PHE B 170 -0.84 2.78 17.21
N TYR B 171 -1.08 1.91 18.18
CA TYR B 171 0.01 1.21 18.87
C TYR B 171 0.43 -0.05 18.15
N LEU B 172 0.59 0.04 16.84
CA LEU B 172 1.25 -0.98 16.04
C LEU B 172 2.27 -0.29 15.16
N ASN B 173 1.96 0.96 14.79
CA ASN B 173 2.92 1.83 14.13
C ASN B 173 3.98 2.33 15.10
N VAL B 174 3.66 2.37 16.39
CA VAL B 174 4.67 2.70 17.39
C VAL B 174 5.68 1.57 17.50
N ILE B 175 5.22 0.32 17.43
CA ILE B 175 6.13 -0.82 17.41
C ILE B 175 6.88 -0.87 16.09
N SER B 176 6.22 -0.53 14.99
CA SER B 176 6.92 -0.44 13.71
C SER B 176 7.99 0.64 13.73
N LEU B 177 7.68 1.80 14.32
CA LEU B 177 8.67 2.86 14.43
C LEU B 177 9.81 2.44 15.37
N ALA B 178 9.48 1.74 16.45
CA ALA B 178 10.52 1.28 17.36
C ALA B 178 11.40 0.22 16.71
N SER B 179 10.82 -0.59 15.83
CA SER B 179 11.58 -1.64 15.16
C SER B 179 12.56 -1.05 14.14
N VAL B 180 12.07 -0.14 13.29
CA VAL B 180 12.94 0.44 12.27
C VAL B 180 13.93 1.42 12.87
N SER B 181 13.63 1.98 14.04
CA SER B 181 14.60 2.81 14.73
C SER B 181 15.80 2.00 15.19
N VAL B 182 15.56 0.77 15.64
CA VAL B 182 16.67 -0.15 15.95
C VAL B 182 17.36 -0.59 14.68
N ALA B 183 16.62 -0.78 13.59
CA ALA B 183 17.26 -1.13 12.33
C ALA B 183 18.26 -0.05 11.90
N PHE B 184 17.89 1.22 12.06
CA PHE B 184 18.84 2.31 11.86
C PHE B 184 19.71 2.54 13.09
N LEU B 185 20.24 1.48 13.64
CA LEU B 185 21.32 1.51 14.61
C LEU B 185 22.41 0.54 14.25
N PHE B 186 22.05 -0.62 13.71
CA PHE B 186 23.03 -1.51 13.11
C PHE B 186 23.53 -0.98 11.79
N SER B 187 22.70 -0.23 11.06
CA SER B 187 23.10 0.28 9.76
C SER B 187 24.32 1.19 9.86
N LEU B 188 24.58 1.77 11.03
CA LEU B 188 25.75 2.60 11.24
C LEU B 188 26.97 1.81 11.63
N PHE B 189 26.85 0.49 11.77
CA PHE B 189 27.92 -0.34 12.28
C PHE B 189 28.47 -1.32 11.25
N LEU B 190 27.86 -1.42 10.08
CA LEU B 190 28.29 -2.32 9.00
C LEU B 190 29.66 -1.86 8.49
N PRO B 191 30.66 -2.71 8.17
CA PRO B 191 31.90 -2.25 7.55
C PRO B 191 31.64 -1.55 6.23
N MET B 192 32.47 -0.57 5.94
CA MET B 192 32.35 0.18 4.70
C MET B 192 33.00 -0.61 3.57
N PRO B 193 32.30 -0.92 2.47
CA PRO B 193 32.93 -1.66 1.39
C PRO B 193 34.10 -0.90 0.81
N LYS B 194 35.08 -1.64 0.29
CA LYS B 194 36.23 -1.05 -0.36
C LYS B 194 36.22 -1.24 -1.86
N LYS B 195 35.11 -1.70 -2.43
CA LYS B 195 34.97 -1.78 -3.88
C LYS B 195 33.49 -1.83 -4.20
N SER B 196 33.12 -1.28 -5.35
CA SER B 196 31.78 -1.44 -5.90
C SER B 196 31.79 -2.54 -6.95
N MET B 197 30.70 -2.67 -7.69
CA MET B 197 30.65 -3.61 -8.80
C MET B 197 31.15 -3.00 -10.11
N PHE B 198 30.86 -1.72 -10.35
CA PHE B 198 31.14 -1.08 -11.63
C PHE B 198 32.08 0.11 -11.54
N PHE B 199 31.85 1.02 -10.61
CA PHE B 199 32.61 2.26 -10.58
C PHE B 199 34.02 2.04 -10.05
N HIS B 200 34.14 1.55 -8.83
CA HIS B 200 35.42 1.36 -8.18
C HIS B 200 35.97 -0.06 -8.35
N ALA B 201 35.25 -0.93 -9.02
CA ALA B 201 35.68 -2.32 -9.21
C ALA B 201 37.08 -2.40 -9.80
N GLU B 271 23.11 -6.13 -25.30
CA GLU B 271 24.03 -7.01 -25.99
C GLU B 271 23.91 -8.44 -25.48
N CYS B 272 23.71 -8.59 -24.17
CA CYS B 272 23.44 -9.91 -23.60
C CYS B 272 21.96 -10.29 -23.71
N TYR B 273 21.11 -9.34 -24.09
CA TYR B 273 19.71 -9.66 -24.32
C TYR B 273 19.49 -10.39 -25.64
N SER B 274 20.51 -10.42 -26.51
CA SER B 274 20.35 -11.09 -27.80
C SER B 274 20.00 -12.56 -27.65
N SER B 275 20.38 -13.17 -26.52
CA SER B 275 20.03 -14.56 -26.29
C SER B 275 18.52 -14.74 -26.36
N LYS B 276 18.09 -15.83 -27.00
CA LYS B 276 16.66 -16.07 -27.16
C LYS B 276 15.97 -16.18 -25.81
N ARG B 277 16.62 -16.90 -24.91
CA ARG B 277 16.01 -17.21 -23.61
C ARG B 277 15.95 -15.98 -22.76
N LEU B 278 16.99 -15.18 -22.64
CA LEU B 278 17.10 -14.10 -21.68
C LEU B 278 16.07 -13.01 -21.95
N PHE B 279 15.89 -12.64 -23.23
CA PHE B 279 14.89 -11.64 -23.55
C PHE B 279 13.48 -12.18 -23.35
N TYR B 280 13.22 -13.40 -23.81
CA TYR B 280 11.90 -13.98 -23.63
C TYR B 280 11.56 -14.13 -22.15
N TRP B 281 12.51 -14.63 -21.37
CA TRP B 281 12.24 -14.85 -19.95
C TRP B 281 12.17 -13.55 -19.18
N SER B 282 12.83 -12.49 -19.65
CA SER B 282 12.76 -11.20 -18.99
C SER B 282 11.43 -10.50 -19.23
N LEU B 283 10.76 -10.80 -20.35
CA LEU B 283 9.48 -10.15 -20.65
C LEU B 283 8.39 -10.68 -19.74
N TRP B 284 8.31 -12.00 -19.55
CA TRP B 284 7.32 -12.53 -18.63
C TRP B 284 7.61 -12.08 -17.19
N TRP B 285 8.87 -12.05 -16.81
CA TRP B 285 9.23 -11.52 -15.49
C TRP B 285 8.75 -10.09 -15.35
N ALA B 286 9.07 -9.23 -16.32
CA ALA B 286 8.73 -7.82 -16.21
C ALA B 286 7.23 -7.61 -16.21
N PHE B 287 6.51 -8.34 -17.05
CA PHE B 287 5.06 -8.19 -17.12
C PHE B 287 4.37 -8.83 -15.92
N ALA B 288 4.81 -10.02 -15.52
CA ALA B 288 4.19 -10.69 -14.38
C ALA B 288 4.39 -9.92 -13.09
N THR B 289 5.59 -9.40 -12.85
CA THR B 289 5.86 -8.70 -11.60
C THR B 289 5.14 -7.36 -11.55
N ALA B 290 4.96 -6.71 -12.69
CA ALA B 290 4.24 -5.43 -12.70
C ALA B 290 2.81 -5.60 -12.23
N GLY B 291 2.12 -6.63 -12.71
CA GLY B 291 0.77 -6.90 -12.24
C GLY B 291 0.74 -7.34 -10.79
N PHE B 292 1.75 -8.08 -10.36
CA PHE B 292 1.82 -8.51 -8.96
C PHE B 292 1.90 -7.31 -8.02
N ASN B 293 2.73 -6.33 -8.36
CA ASN B 293 2.84 -5.13 -7.54
C ASN B 293 1.53 -4.35 -7.56
N GLN B 294 0.86 -4.32 -8.71
CA GLN B 294 -0.43 -3.64 -8.80
C GLN B 294 -1.48 -4.34 -7.94
N VAL B 295 -1.52 -5.67 -7.96
CA VAL B 295 -2.51 -6.40 -7.19
C VAL B 295 -2.27 -6.22 -5.70
N LEU B 296 -1.03 -6.41 -5.26
CA LEU B 296 -0.72 -6.24 -3.83
C LEU B 296 -0.93 -4.80 -3.38
N ASN B 297 -0.90 -3.86 -4.31
CA ASN B 297 -1.06 -2.46 -3.94
C ASN B 297 -2.47 -2.19 -3.42
N TYR B 298 -3.48 -2.40 -4.26
CA TYR B 298 -4.88 -2.19 -3.88
C TYR B 298 -5.53 -3.53 -3.56
N VAL B 299 -5.04 -4.17 -2.50
CA VAL B 299 -5.60 -5.42 -2.00
C VAL B 299 -6.23 -5.24 -0.63
N GLN B 300 -5.56 -4.50 0.26
CA GLN B 300 -6.16 -4.15 1.53
C GLN B 300 -7.34 -3.21 1.36
N ILE B 301 -7.37 -2.44 0.28
CA ILE B 301 -8.55 -1.63 -0.03
C ILE B 301 -9.73 -2.54 -0.39
N LEU B 302 -9.46 -3.60 -1.16
CA LEU B 302 -10.52 -4.54 -1.51
C LEU B 302 -11.08 -5.21 -0.26
N TRP B 303 -10.21 -5.68 0.64
CA TRP B 303 -10.69 -6.34 1.84
C TRP B 303 -11.57 -5.40 2.67
N ASP B 304 -11.16 -4.15 2.79
CA ASP B 304 -11.95 -3.19 3.55
C ASP B 304 -13.27 -2.89 2.87
N TYR B 305 -13.34 -3.09 1.55
CA TYR B 305 -14.59 -2.87 0.83
C TYR B 305 -15.58 -4.00 1.07
N LYS B 306 -15.12 -5.25 1.06
CA LYS B 306 -16.01 -6.39 1.23
C LYS B 306 -16.42 -6.60 2.69
N ALA B 307 -15.65 -6.07 3.62
CA ALA B 307 -15.97 -6.16 5.04
C ALA B 307 -15.34 -4.98 5.76
N PRO B 308 -16.06 -3.88 5.96
CA PRO B 308 -15.47 -2.71 6.59
C PRO B 308 -14.90 -3.04 7.96
N SER B 309 -13.71 -2.50 8.23
CA SER B 309 -13.00 -2.87 9.45
C SER B 309 -13.72 -2.40 10.70
N GLN B 310 -14.57 -1.37 10.58
CA GLN B 310 -15.26 -0.81 11.72
C GLN B 310 -16.55 -1.55 12.08
N ASP B 311 -16.93 -2.56 11.30
CA ASP B 311 -18.16 -3.30 11.52
C ASP B 311 -17.94 -4.75 11.91
N SER B 312 -16.94 -5.42 11.33
CA SER B 312 -16.71 -6.83 11.56
C SER B 312 -15.23 -7.09 11.77
N SER B 313 -14.93 -8.23 12.38
CA SER B 313 -13.54 -8.61 12.63
C SER B 313 -12.82 -8.85 11.30
N ILE B 314 -11.57 -8.39 11.24
CA ILE B 314 -10.74 -8.51 10.04
C ILE B 314 -9.44 -9.20 10.43
N TYR B 315 -9.14 -10.31 9.80
CA TYR B 315 -7.92 -11.07 10.05
C TYR B 315 -6.87 -10.76 8.99
N ASN B 316 -6.45 -9.50 8.95
CA ASN B 316 -5.42 -9.10 7.99
C ASN B 316 -4.06 -9.67 8.36
N GLY B 317 -3.71 -9.65 9.64
CA GLY B 317 -2.39 -10.12 10.05
C GLY B 317 -2.20 -11.61 9.83
N ALA B 318 -3.20 -12.41 10.17
CA ALA B 318 -3.09 -13.85 10.00
C ALA B 318 -3.07 -14.21 8.51
N VAL B 319 -3.82 -13.48 7.70
CA VAL B 319 -3.86 -13.76 6.27
C VAL B 319 -2.54 -13.40 5.61
N GLU B 320 -1.99 -12.24 5.97
CA GLU B 320 -0.72 -11.75 5.39
C GLU B 320 0.45 -12.65 5.79
N ALA B 321 0.43 -13.25 6.99
CA ALA B 321 1.48 -14.15 7.43
C ALA B 321 1.41 -15.47 6.69
N ILE B 322 0.21 -16.06 6.58
CA ILE B 322 0.07 -17.33 5.88
C ILE B 322 0.43 -17.18 4.41
N ALA B 323 -0.02 -16.10 3.78
CA ALA B 323 0.30 -15.88 2.37
C ALA B 323 1.79 -15.70 2.18
N THR B 324 2.45 -14.96 3.07
CA THR B 324 3.91 -14.82 2.99
C THR B 324 4.61 -16.16 3.19
N PHE B 325 4.15 -16.94 4.18
CA PHE B 325 4.71 -18.27 4.39
C PHE B 325 4.45 -19.17 3.19
N GLY B 326 3.23 -19.11 2.64
CA GLY B 326 2.91 -19.95 1.51
C GLY B 326 3.76 -19.64 0.29
N GLY B 327 4.01 -18.36 0.04
CA GLY B 327 4.88 -17.99 -1.07
C GLY B 327 6.30 -18.48 -0.89
N ALA B 328 6.77 -18.52 0.35
CA ALA B 328 8.11 -19.01 0.62
C ALA B 328 8.24 -20.49 0.27
N VAL B 329 7.23 -21.30 0.63
CA VAL B 329 7.28 -22.72 0.30
C VAL B 329 7.18 -22.94 -1.19
N ALA B 330 6.41 -22.10 -1.89
CA ALA B 330 6.31 -22.24 -3.34
C ALA B 330 7.65 -22.01 -4.01
N ALA B 331 8.40 -20.99 -3.58
CA ALA B 331 9.72 -20.75 -4.13
C ALA B 331 10.68 -21.87 -3.76
N PHE B 332 10.61 -22.36 -2.53
CA PHE B 332 11.48 -23.45 -2.12
C PHE B 332 11.19 -24.72 -2.91
N ALA B 333 9.91 -25.05 -3.10
CA ALA B 333 9.57 -26.28 -3.81
C ALA B 333 10.05 -26.24 -5.25
N VAL B 334 10.12 -25.05 -5.85
CA VAL B 334 10.54 -24.95 -7.25
C VAL B 334 11.98 -25.41 -7.41
N GLY B 335 12.84 -25.07 -6.45
CA GLY B 335 14.23 -25.50 -6.49
C GLY B 335 14.49 -26.90 -5.99
N TYR B 336 13.50 -27.54 -5.39
CA TYR B 336 13.66 -28.91 -4.90
C TYR B 336 13.42 -29.93 -6.00
N VAL B 337 12.26 -29.87 -6.67
CA VAL B 337 11.99 -30.79 -7.77
C VAL B 337 12.95 -30.49 -8.91
N LYS B 338 13.60 -31.54 -9.42
CA LYS B 338 14.55 -31.41 -10.51
C LYS B 338 13.84 -31.75 -11.80
N VAL B 339 13.24 -30.73 -12.42
CA VAL B 339 12.56 -30.86 -13.70
C VAL B 339 13.16 -29.83 -14.65
N ASN B 340 13.51 -30.28 -15.85
CA ASN B 340 14.12 -29.38 -16.83
C ASN B 340 13.13 -28.31 -17.27
N TRP B 341 13.47 -27.05 -17.04
CA TRP B 341 12.60 -25.94 -17.40
C TRP B 341 12.86 -25.47 -18.82
N ASP B 342 12.89 -26.40 -19.76
CA ASP B 342 12.88 -26.10 -21.19
C ASP B 342 11.79 -26.82 -21.95
N LEU B 343 11.55 -28.10 -21.63
CA LEU B 343 10.41 -28.79 -22.20
C LEU B 343 9.15 -28.60 -21.36
N LEU B 344 9.28 -28.02 -20.16
CA LEU B 344 8.17 -27.76 -19.25
C LEU B 344 8.26 -26.36 -18.66
N GLY B 345 8.92 -25.45 -19.36
CA GLY B 345 9.14 -24.11 -18.83
C GLY B 345 8.08 -23.11 -19.24
N GLU B 346 7.69 -23.14 -20.52
CA GLU B 346 6.63 -22.26 -21.00
C GLU B 346 5.25 -22.73 -20.54
N LEU B 347 5.00 -24.04 -20.57
CA LEU B 347 3.70 -24.57 -20.14
C LEU B 347 3.44 -24.26 -18.67
N ALA B 348 4.46 -24.40 -17.83
CA ALA B 348 4.28 -24.15 -16.40
C ALA B 348 4.03 -22.69 -16.09
N LEU B 349 4.34 -21.78 -17.01
CA LEU B 349 4.06 -20.37 -16.79
C LEU B 349 2.72 -19.93 -17.35
N VAL B 350 2.08 -20.75 -18.18
CA VAL B 350 0.74 -20.44 -18.63
C VAL B 350 -0.30 -21.09 -17.73
N VAL B 351 0.00 -22.30 -17.22
CA VAL B 351 -0.92 -22.97 -16.30
C VAL B 351 -1.04 -22.17 -15.02
N PHE B 352 0.08 -21.70 -14.49
CA PHE B 352 0.07 -20.98 -13.22
C PHE B 352 -0.19 -19.49 -13.40
N SER B 353 -0.11 -18.96 -14.63
CA SER B 353 -0.60 -17.62 -14.88
C SER B 353 -2.11 -17.59 -15.02
N VAL B 354 -2.70 -18.68 -15.51
CA VAL B 354 -4.16 -18.80 -15.52
C VAL B 354 -4.68 -18.87 -14.10
N VAL B 355 -3.93 -19.52 -13.21
CA VAL B 355 -4.36 -19.61 -11.81
C VAL B 355 -4.39 -18.24 -11.18
N ASN B 356 -3.46 -17.35 -11.55
CA ASN B 356 -3.50 -15.99 -11.03
C ASN B 356 -4.74 -15.24 -11.52
N ALA B 357 -5.08 -15.38 -12.80
CA ALA B 357 -6.29 -14.76 -13.30
C ALA B 357 -7.54 -15.36 -12.65
N GLY B 358 -7.59 -16.68 -12.55
CA GLY B 358 -8.73 -17.33 -11.93
C GLY B 358 -8.89 -16.94 -10.47
N SER B 359 -7.79 -16.72 -9.77
CA SER B 359 -7.82 -16.30 -8.39
C SER B 359 -8.10 -14.82 -8.22
N LEU B 360 -7.96 -14.03 -9.28
CA LEU B 360 -8.25 -12.59 -9.20
C LEU B 360 -9.69 -12.27 -9.50
N PHE B 361 -10.37 -13.08 -10.31
CA PHE B 361 -11.81 -12.93 -10.51
C PHE B 361 -12.57 -13.38 -9.28
N LEU B 362 -12.10 -14.42 -8.59
CA LEU B 362 -12.76 -14.85 -7.36
C LEU B 362 -12.75 -13.76 -6.30
N MET B 363 -11.61 -13.09 -6.14
CA MET B 363 -11.54 -11.97 -5.21
C MET B 363 -12.50 -10.86 -5.59
N HIS B 364 -12.85 -10.75 -6.87
CA HIS B 364 -13.73 -9.69 -7.34
C HIS B 364 -15.20 -10.08 -7.31
N TYR B 365 -15.52 -11.32 -7.66
CA TYR B 365 -16.90 -11.74 -7.86
C TYR B 365 -17.53 -12.34 -6.62
N THR B 366 -16.80 -12.45 -5.51
CA THR B 366 -17.29 -13.12 -4.31
C THR B 366 -17.66 -12.09 -3.24
N ALA B 367 -18.85 -12.23 -2.68
CA ALA B 367 -19.26 -11.36 -1.59
C ALA B 367 -18.64 -11.80 -0.26
N ASN B 368 -18.16 -13.04 -0.19
CA ASN B 368 -17.60 -13.57 1.04
C ASN B 368 -16.19 -13.04 1.25
N ILE B 369 -15.85 -12.73 2.50
CA ILE B 369 -14.52 -12.22 2.80
C ILE B 369 -13.53 -13.37 2.95
N TRP B 370 -14.01 -14.55 3.34
CA TRP B 370 -13.13 -15.71 3.47
C TRP B 370 -12.68 -16.21 2.10
N ALA B 371 -13.57 -16.20 1.12
CA ALA B 371 -13.17 -16.59 -0.24
C ALA B 371 -12.25 -15.54 -0.85
N CYS B 372 -12.34 -14.29 -0.41
CA CYS B 372 -11.43 -13.28 -0.89
C CYS B 372 -10.06 -13.43 -0.26
N TYR B 373 -9.99 -13.87 1.00
CA TYR B 373 -8.70 -14.19 1.61
C TYR B 373 -8.05 -15.37 0.90
N ALA B 374 -8.84 -16.42 0.61
CA ALA B 374 -8.29 -17.59 -0.05
C ALA B 374 -7.76 -17.27 -1.43
N GLY B 375 -8.46 -16.42 -2.18
CA GLY B 375 -7.94 -15.99 -3.47
C GLY B 375 -6.62 -15.26 -3.36
N TYR B 376 -6.41 -14.53 -2.26
CA TYR B 376 -5.13 -13.87 -2.03
C TYR B 376 -4.03 -14.89 -1.78
N LEU B 377 -4.33 -15.95 -1.04
CA LEU B 377 -3.34 -16.98 -0.78
C LEU B 377 -2.91 -17.66 -2.07
N ILE B 378 -3.88 -18.02 -2.91
CA ILE B 378 -3.57 -18.74 -4.14
C ILE B 378 -2.83 -17.83 -5.12
N PHE B 379 -3.20 -16.55 -5.17
CA PHE B 379 -2.50 -15.62 -6.07
C PHE B 379 -1.05 -15.45 -5.66
N LYS B 380 -0.80 -15.22 -4.37
CA LYS B 380 0.56 -14.97 -3.91
C LYS B 380 1.41 -16.23 -4.01
N SER B 381 0.84 -17.38 -3.63
CA SER B 381 1.56 -18.67 -3.69
C SER B 381 1.82 -19.02 -5.15
N SER B 382 0.82 -18.87 -6.03
CA SER B 382 1.00 -19.23 -7.44
C SER B 382 2.02 -18.34 -8.12
N TYR B 383 1.96 -17.03 -7.85
CA TYR B 383 2.89 -16.11 -8.50
C TYR B 383 4.33 -16.41 -8.12
N MET B 384 4.58 -16.65 -6.84
CA MET B 384 5.94 -16.94 -6.39
C MET B 384 6.47 -18.23 -6.99
N LEU B 385 5.59 -19.09 -7.49
CA LEU B 385 6.00 -20.33 -8.13
C LEU B 385 6.52 -20.13 -9.54
N LEU B 386 6.28 -18.96 -10.15
CA LEU B 386 6.76 -18.66 -11.49
C LEU B 386 7.85 -17.61 -11.52
N ILE B 387 7.77 -16.58 -10.69
CA ILE B 387 8.88 -15.64 -10.61
C ILE B 387 10.15 -16.38 -10.22
N THR B 388 10.01 -17.52 -9.53
CA THR B 388 11.16 -18.37 -9.24
C THR B 388 11.64 -19.08 -10.51
N ILE B 389 10.71 -19.59 -11.31
CA ILE B 389 11.09 -20.26 -12.56
C ILE B 389 11.61 -19.25 -13.57
N ALA B 390 10.98 -18.08 -13.63
CA ALA B 390 11.45 -17.04 -14.54
C ALA B 390 12.83 -16.55 -14.15
N VAL B 391 13.06 -16.34 -12.85
CA VAL B 391 14.37 -15.88 -12.39
C VAL B 391 15.42 -16.97 -12.58
N PHE B 392 15.06 -18.23 -12.31
CA PHE B 392 16.03 -19.31 -12.44
C PHE B 392 16.54 -19.42 -13.87
N GLN B 393 15.63 -19.30 -14.84
CA GLN B 393 16.01 -19.39 -16.24
C GLN B 393 16.78 -18.17 -16.73
N ILE B 394 16.45 -16.99 -16.22
CA ILE B 394 17.22 -15.79 -16.58
C ILE B 394 18.67 -15.93 -16.12
N ALA B 395 18.86 -16.28 -14.86
CA ALA B 395 20.20 -16.37 -14.27
C ALA B 395 20.68 -17.81 -14.37
N VAL B 396 21.10 -18.19 -15.58
CA VAL B 396 21.72 -19.49 -15.80
C VAL B 396 23.08 -19.39 -16.45
N ASN B 397 23.39 -18.30 -17.15
CA ASN B 397 24.71 -18.08 -17.72
C ASN B 397 25.30 -16.73 -17.35
N LEU B 398 24.53 -15.83 -16.77
CA LEU B 398 25.03 -14.52 -16.41
C LEU B 398 25.96 -14.60 -15.20
N ASN B 399 26.92 -13.70 -15.15
CA ASN B 399 27.79 -13.54 -13.99
C ASN B 399 27.04 -12.82 -12.88
N VAL B 400 27.69 -12.72 -11.72
CA VAL B 400 27.13 -11.92 -10.64
C VAL B 400 27.07 -10.46 -11.05
N GLU B 401 28.06 -9.99 -11.80
CA GLU B 401 28.07 -8.61 -12.27
C GLU B 401 26.98 -8.32 -13.27
N ARG B 402 26.51 -9.32 -14.01
CA ARG B 402 25.45 -9.14 -14.99
C ARG B 402 24.06 -9.37 -14.43
N TYR B 403 23.94 -9.96 -13.25
CA TYR B 403 22.63 -10.00 -12.58
C TYR B 403 22.16 -8.58 -12.27
N ALA B 404 23.07 -7.74 -11.78
CA ALA B 404 22.68 -6.42 -11.31
C ALA B 404 22.10 -5.57 -12.44
N LEU B 405 22.75 -5.54 -13.59
CA LEU B 405 22.34 -4.67 -14.68
C LEU B 405 21.36 -5.35 -15.64
N VAL B 406 21.03 -6.61 -15.41
CA VAL B 406 19.94 -7.27 -16.12
C VAL B 406 18.66 -7.30 -15.30
N PHE B 407 18.75 -7.50 -13.98
CA PHE B 407 17.60 -7.39 -13.11
C PHE B 407 17.28 -5.95 -12.74
N GLY B 408 18.16 -5.02 -13.08
CA GLY B 408 17.89 -3.61 -12.85
C GLY B 408 17.08 -3.00 -13.97
N ILE B 409 17.30 -3.49 -15.20
CA ILE B 409 16.48 -3.07 -16.32
C ILE B 409 15.07 -3.67 -16.19
N ASN B 410 14.98 -4.96 -15.87
CA ASN B 410 13.68 -5.60 -15.77
C ASN B 410 12.82 -4.98 -14.69
N THR B 411 13.43 -4.61 -13.56
CA THR B 411 12.69 -3.91 -12.52
C THR B 411 12.27 -2.51 -12.95
N PHE B 412 12.96 -1.91 -13.91
CA PHE B 412 12.59 -0.59 -14.42
C PHE B 412 11.53 -0.70 -15.51
N ILE B 413 11.59 -1.74 -16.33
CA ILE B 413 10.54 -1.96 -17.34
C ILE B 413 9.23 -2.31 -16.64
N ALA B 414 9.29 -3.09 -15.57
CA ALA B 414 8.06 -3.43 -14.86
C ALA B 414 7.42 -2.20 -14.23
N LEU B 415 8.23 -1.19 -13.88
CA LEU B 415 7.67 0.02 -13.31
C LEU B 415 7.05 0.91 -14.37
N VAL B 416 7.62 0.92 -15.57
CA VAL B 416 6.99 1.65 -16.67
C VAL B 416 5.64 1.04 -17.01
N ILE B 417 5.55 -0.29 -17.00
CA ILE B 417 4.27 -0.95 -17.21
C ILE B 417 3.31 -0.58 -16.09
N GLN B 418 3.78 -0.64 -14.84
CA GLN B 418 2.91 -0.34 -13.71
C GLN B 418 2.44 1.10 -13.74
N THR B 419 3.31 2.04 -14.11
CA THR B 419 2.92 3.44 -14.18
C THR B 419 1.87 3.68 -15.25
N ILE B 420 2.02 3.07 -16.42
CA ILE B 420 1.03 3.24 -17.47
C ILE B 420 -0.32 2.69 -17.05
N MET B 421 -0.32 1.50 -16.42
CA MET B 421 -1.57 0.95 -15.93
C MET B 421 -2.16 1.78 -14.82
N THR B 422 -1.32 2.35 -13.95
CA THR B 422 -1.82 3.16 -12.84
C THR B 422 -2.38 4.48 -13.33
N VAL B 423 -1.74 5.11 -14.31
CA VAL B 423 -2.23 6.39 -14.82
C VAL B 423 -3.60 6.21 -15.45
N ILE B 424 -3.77 5.20 -16.29
CA ILE B 424 -5.02 5.02 -17.01
C ILE B 424 -6.13 4.55 -16.07
N VAL B 425 -5.84 3.59 -15.21
CA VAL B 425 -6.90 2.90 -14.47
C VAL B 425 -7.19 3.57 -13.14
N VAL B 426 -6.17 3.79 -12.31
CA VAL B 426 -6.39 4.16 -10.92
C VAL B 426 -6.30 5.66 -10.71
N ASP B 427 -5.46 6.32 -11.49
CA ASP B 427 -5.20 7.74 -11.25
C ASP B 427 -6.48 8.56 -11.38
N GLN B 428 -6.56 9.62 -10.57
CA GLN B 428 -7.74 10.47 -10.60
C GLN B 428 -7.90 11.18 -11.94
N ARG B 429 -6.79 11.55 -12.58
CA ARG B 429 -6.86 12.21 -13.86
C ARG B 429 -7.16 11.24 -14.99
N GLY B 430 -7.02 9.94 -14.75
CA GLY B 430 -7.30 8.96 -15.77
C GLY B 430 -8.74 8.50 -15.76
N LEU B 431 -8.97 7.21 -15.49
CA LEU B 431 -10.32 6.67 -15.41
C LEU B 431 -10.92 6.75 -14.01
N ASN B 432 -10.06 6.90 -12.99
CA ASN B 432 -10.51 7.01 -11.59
C ASN B 432 -11.44 5.83 -11.29
N LEU B 433 -11.08 4.60 -11.66
CA LEU B 433 -11.89 3.43 -11.35
C LEU B 433 -11.77 3.09 -9.88
N PRO B 434 -12.89 2.73 -9.21
CA PRO B 434 -12.80 2.31 -7.81
C PRO B 434 -12.18 0.94 -7.68
N VAL B 435 -12.00 0.47 -6.44
CA VAL B 435 -11.39 -0.83 -6.22
C VAL B 435 -12.34 -1.98 -6.53
N SER B 436 -13.65 -1.72 -6.57
CA SER B 436 -14.60 -2.78 -6.86
C SER B 436 -14.40 -3.34 -8.26
N ILE B 437 -14.21 -2.46 -9.25
CA ILE B 437 -14.04 -2.89 -10.63
C ILE B 437 -12.58 -3.09 -11.01
N GLN B 438 -11.64 -2.64 -10.17
CA GLN B 438 -10.23 -2.73 -10.51
C GLN B 438 -9.80 -4.18 -10.70
N PHE B 439 -10.24 -5.08 -9.83
CA PHE B 439 -9.80 -6.46 -9.89
C PHE B 439 -10.40 -7.22 -11.07
N LEU B 440 -11.44 -6.69 -11.70
CA LEU B 440 -11.88 -7.22 -12.98
C LEU B 440 -10.93 -6.83 -14.10
N VAL B 441 -10.06 -5.86 -13.86
CA VAL B 441 -9.01 -5.50 -14.81
C VAL B 441 -7.73 -6.26 -14.52
N TYR B 442 -7.33 -6.33 -13.24
CA TYR B 442 -6.13 -7.08 -12.88
C TYR B 442 -6.31 -8.56 -13.19
N GLY B 443 -7.48 -9.12 -12.88
CA GLY B 443 -7.73 -10.50 -13.21
C GLY B 443 -7.64 -10.78 -14.69
N SER B 444 -8.19 -9.88 -15.50
CA SER B 444 -8.10 -10.02 -16.95
C SER B 444 -6.73 -9.66 -17.48
N TYR B 445 -5.93 -8.91 -16.72
CA TYR B 445 -4.57 -8.61 -17.13
C TYR B 445 -3.73 -9.88 -17.18
N PHE B 446 -3.83 -10.73 -16.15
CA PHE B 446 -3.10 -11.98 -16.13
C PHE B 446 -3.64 -12.98 -17.12
N ALA B 447 -4.91 -12.87 -17.51
CA ALA B 447 -5.48 -13.75 -18.53
C ALA B 447 -5.03 -13.38 -19.92
N VAL B 448 -4.64 -12.13 -20.16
CA VAL B 448 -4.13 -11.73 -21.46
C VAL B 448 -2.65 -12.02 -21.61
N ILE B 449 -1.90 -12.04 -20.51
CA ILE B 449 -0.51 -12.49 -20.56
C ILE B 449 -0.41 -13.98 -20.84
N ALA B 450 -1.30 -14.79 -20.27
CA ALA B 450 -1.33 -16.22 -20.56
C ALA B 450 -1.69 -16.51 -22.00
N GLY B 451 -2.68 -15.82 -22.56
CA GLY B 451 -3.04 -16.04 -23.94
C GLY B 451 -1.95 -15.61 -24.91
N ILE B 452 -1.32 -14.46 -24.63
CA ILE B 452 -0.26 -13.99 -25.50
C ILE B 452 0.92 -14.96 -25.50
N PHE B 453 1.25 -15.52 -24.33
CA PHE B 453 2.33 -16.48 -24.23
C PHE B 453 1.90 -17.90 -24.57
N LEU B 454 0.61 -18.11 -24.80
CA LEU B 454 0.11 -19.36 -25.38
C LEU B 454 -0.19 -19.23 -26.87
N MET B 455 -0.68 -18.07 -27.30
CA MET B 455 -0.90 -17.78 -28.71
C MET B 455 0.38 -17.39 -29.44
N ARG B 456 1.47 -17.18 -28.71
CA ARG B 456 2.77 -16.95 -29.33
C ARG B 456 3.35 -18.20 -29.96
N SER B 457 2.93 -19.38 -29.51
CA SER B 457 3.36 -20.64 -30.09
C SER B 457 2.50 -20.90 -31.33
N MET B 458 2.89 -20.29 -32.44
CA MET B 458 2.13 -20.36 -33.68
C MET B 458 2.87 -21.22 -34.71
N TYR B 459 2.09 -22.04 -35.41
CA TYR B 459 2.63 -22.93 -36.43
C TYR B 459 1.79 -22.91 -37.70
CAQ 2TA C . 4.33 -5.58 -3.66
CAR 2TA C . 5.65 -5.82 -2.92
CAS 2TA C . 6.36 -4.83 -3.23
CAT 2TA C . 5.35 -3.60 -3.54
NAP 2TA C . 4.17 -4.09 -3.56
CAO 2TA C . 3.47 -3.71 -4.44
CAN 2TA C . 2.89 -2.36 -4.04
OAM 2TA C . 2.54 -2.48 -2.70
CAJ 2TA C . 2.37 -1.29 -1.99
CAK 2TA C . 3.44 -0.22 -2.01
CAL 2TA C . 3.23 1.06 -1.22
CAI 2TA C . 1.09 -1.11 -1.18
CAH 2TA C . 0.89 0.18 -0.40
CAG 2TA C . 1.96 1.26 -0.42
NAF 2TA C . 1.79 2.47 0.32
C2 2TA C . 2.40 2.52 1.62
N3 2TA C . 2.51 1.27 2.39
N1 2TA C . 2.92 3.79 2.17
C6 2TA C . 3.53 3.83 3.49
C5 2TA C . 3.64 2.56 4.26
CAA 2TA C . 4.29 2.60 5.62
C4 2TA C . 3.13 1.29 3.67
NAW 2TA C . 3.22 0.07 4.43
CAX 2TA C . 2.78 -1.18 3.83
CBC 2TA C . 3.59 -1.87 2.75
CAY 2TA C . 1.50 -1.82 4.35
CAZ 2TA C . 1.02 -3.14 3.76
CBA 2TA C . 1.82 -3.83 2.67
CBB 2TA C . 3.10 -3.20 2.16
SBD 2TA C . 4.07 -4.03 0.89
OBJ 2TA C . 3.48 -5.31 0.48
OBK 2TA C . 4.05 -3.30 -0.37
NBE 2TA C . 5.67 -4.21 1.45
CBF 2TA C . 6.02 -5.12 2.54
CBH 2TA C . 7.45 -4.80 2.97
CBI 2TA C . 5.95 -6.57 2.06
CBG 2TA C . 5.14 -4.96 3.77
#